data_1ZYS
#
_entry.id   1ZYS
#
_cell.length_a   44.901
_cell.length_b   66.056
_cell.length_c   58.135
_cell.angle_alpha   90.00
_cell.angle_beta   94.60
_cell.angle_gamma   90.00
#
_symmetry.space_group_name_H-M   'P 1 21 1'
#
loop_
_entity.id
_entity.type
_entity.pdbx_description
1 polymer 'Serine/threonine-protein kinase Chk1'
2 polymer 'pentapeptide fragment'
3 non-polymer 'SULFATE ION'
4 non-polymer N-{5-[4-(4-METHYLPIPERAZIN-1-YL)PHENYL]-1H-PYRROLO[2,3-B]PYRIDIN-3-YL}NICOTINAMIDE
5 water water
#
loop_
_entity_poly.entity_id
_entity_poly.type
_entity_poly.pdbx_seq_one_letter_code
_entity_poly.pdbx_strand_id
1 'polypeptide(L)'
;MAVPFVEDWDLVQTLGEGAYGEVQLAVNRVTEEAVAVKIVDMKRAVDCPENIKKEICINAMLNHENVVKFYGHRREGNIQ
YLFLEYCSGGELFDRIEPDIGMPEPDAQRFFHQLMAGVVYLHGIGITHRDIKPENLLLDERDNLKISDFGLATVFRYNNR
ERLLNKMCGTLPYVAPELLKRREFHAEPVDVWSCGIVLTAMLAGELPWDQPSDSCQEYSDWKEKKTYLNPWKKIDSAPLA
LLHKILVENPSARITIPDIKKDRWYNKPLKKGA
;
A
2 'polypeptide(L)' ASVSA B
#
loop_
_chem_comp.id
_chem_comp.type
_chem_comp.name
_chem_comp.formula
199 non-polymer N-{5-[4-(4-METHYLPIPERAZIN-1-YL)PHENYL]-1H-PYRROLO[2,3-B]PYRIDIN-3-YL}NICOTINAMIDE 'C24 H24 N6 O'
SO4 non-polymer 'SULFATE ION' 'O4 S -2'
#
# COMPACT_ATOMS: atom_id res chain seq x y z
N VAL A 3 19.48 3.84 -31.40
CA VAL A 3 18.22 3.76 -32.22
C VAL A 3 17.56 5.15 -32.01
N PRO A 4 17.43 5.94 -33.07
CA PRO A 4 16.83 7.26 -32.88
C PRO A 4 15.45 7.23 -32.25
N PHE A 5 15.13 8.22 -31.40
CA PHE A 5 13.76 8.38 -30.86
C PHE A 5 13.34 7.42 -29.76
N VAL A 6 14.18 6.44 -29.42
CA VAL A 6 13.81 5.46 -28.41
C VAL A 6 13.74 6.05 -26.99
N GLU A 7 14.16 7.31 -26.83
CA GLU A 7 14.10 7.97 -25.51
C GLU A 7 12.93 8.92 -25.41
N ASP A 8 12.10 8.92 -26.45
CA ASP A 8 10.96 9.82 -26.48
C ASP A 8 9.74 9.06 -26.02
N TRP A 9 8.96 9.70 -25.16
CA TRP A 9 7.78 9.08 -24.65
C TRP A 9 6.66 10.08 -24.77
N ASP A 10 5.51 9.64 -25.22
CA ASP A 10 4.34 10.49 -25.31
C ASP A 10 3.50 10.30 -24.01
N LEU A 11 3.04 11.39 -23.41
CA LEU A 11 2.18 11.33 -22.20
C LEU A 11 0.73 11.30 -22.73
N VAL A 12 0.06 10.16 -22.54
CA VAL A 12 -1.26 9.99 -23.09
C VAL A 12 -2.48 9.91 -22.21
N GLN A 13 -2.27 9.88 -20.89
CA GLN A 13 -3.43 9.74 -20.02
C GLN A 13 -3.07 10.00 -18.58
N THR A 14 -3.93 10.73 -17.90
CA THR A 14 -3.70 11.01 -16.47
C THR A 14 -4.13 9.78 -15.65
N LEU A 15 -3.17 9.22 -14.94
CA LEU A 15 -3.44 8.03 -14.14
C LEU A 15 -3.89 8.38 -12.76
N GLY A 16 -3.33 9.47 -12.24
CA GLY A 16 -3.63 9.95 -10.89
C GLY A 16 -3.15 11.39 -10.70
N GLU A 17 -3.75 12.10 -9.75
CA GLU A 17 -3.39 13.49 -9.46
C GLU A 17 -3.53 13.70 -7.98
N GLY A 18 -2.83 14.68 -7.44
CA GLY A 18 -2.93 14.95 -6.01
C GLY A 18 -1.98 16.07 -5.66
N ALA A 19 -1.93 16.46 -4.38
CA ALA A 19 -1.02 17.55 -4.02
C ALA A 19 0.43 17.17 -4.30
N TYR A 20 0.72 15.86 -4.39
CA TYR A 20 2.08 15.42 -4.68
C TYR A 20 2.47 15.72 -6.15
N GLY A 21 1.46 15.84 -7.00
CA GLY A 21 1.69 16.09 -8.42
C GLY A 21 0.79 15.20 -9.28
N GLU A 22 1.33 14.59 -10.33
CA GLU A 22 0.49 13.71 -11.13
C GLU A 22 1.26 12.51 -11.67
N VAL A 23 0.54 11.51 -12.12
CA VAL A 23 1.23 10.35 -12.71
C VAL A 23 0.54 10.22 -14.07
N GLN A 24 1.35 10.11 -15.14
CA GLN A 24 0.80 9.96 -16.51
C GLN A 24 1.27 8.64 -17.10
N LEU A 25 0.44 8.12 -18.01
CA LEU A 25 0.77 6.94 -18.77
C LEU A 25 1.66 7.45 -19.89
N ALA A 26 2.86 6.88 -20.02
CA ALA A 26 3.82 7.27 -21.01
C ALA A 26 4.01 6.12 -21.97
N VAL A 27 3.99 6.38 -23.29
CA VAL A 27 4.11 5.25 -24.25
C VAL A 27 5.30 5.60 -25.12
N ASN A 28 6.22 4.63 -25.26
CA ASN A 28 7.45 4.87 -25.99
C ASN A 28 7.20 5.15 -27.45
N ARG A 29 7.84 6.20 -27.95
CA ARG A 29 7.60 6.57 -29.35
C ARG A 29 7.94 5.47 -30.36
N VAL A 30 8.99 4.70 -30.03
CA VAL A 30 9.42 3.67 -30.93
C VAL A 30 8.84 2.33 -30.58
N THR A 31 8.99 1.91 -29.33
CA THR A 31 8.55 0.56 -28.98
C THR A 31 7.14 0.30 -28.49
N GLU A 32 6.45 1.39 -28.19
CA GLU A 32 5.10 1.46 -27.64
C GLU A 32 5.05 0.83 -26.22
N GLU A 33 6.22 0.66 -25.62
CA GLU A 33 6.29 0.15 -24.21
C GLU A 33 5.55 1.20 -23.38
N ALA A 34 4.82 0.74 -22.37
CA ALA A 34 4.07 1.68 -21.54
C ALA A 34 4.71 1.65 -20.13
N VAL A 35 4.90 2.85 -19.56
CA VAL A 35 5.44 3.02 -18.19
C VAL A 35 4.63 4.16 -17.60
N ALA A 36 4.65 4.29 -16.28
CA ALA A 36 3.95 5.40 -15.68
C ALA A 36 5.04 6.44 -15.33
N VAL A 37 4.73 7.71 -15.46
CA VAL A 37 5.73 8.72 -15.13
C VAL A 37 5.13 9.63 -14.06
N LYS A 38 5.76 9.64 -12.89
CA LYS A 38 5.29 10.53 -11.84
C LYS A 38 6.01 11.88 -12.07
N ILE A 39 5.23 12.96 -12.09
CA ILE A 39 5.75 14.30 -12.35
C ILE A 39 5.61 15.17 -11.13
N VAL A 40 6.74 15.64 -10.63
CA VAL A 40 6.77 16.44 -9.40
C VAL A 40 7.45 17.79 -9.60
N ASP A 41 6.73 18.84 -9.20
CA ASP A 41 7.21 20.21 -9.27
C ASP A 41 7.81 20.51 -7.89
N MET A 42 9.12 20.54 -7.82
CA MET A 42 9.79 20.80 -6.56
C MET A 42 9.58 22.19 -5.98
N LYS A 43 8.92 23.05 -6.77
CA LYS A 43 8.65 24.45 -6.38
C LYS A 43 7.37 24.55 -5.55
N ARG A 44 6.58 23.48 -5.52
CA ARG A 44 5.32 23.49 -4.76
C ARG A 44 5.46 23.59 -3.25
N ALA A 45 6.56 23.10 -2.70
CA ALA A 45 6.77 23.17 -1.26
C ALA A 45 8.27 23.28 -1.00
N VAL A 46 8.64 24.05 0.01
CA VAL A 46 10.05 24.23 0.34
C VAL A 46 10.77 22.89 0.58
N ASP A 47 10.07 21.93 1.19
CA ASP A 47 10.68 20.64 1.47
C ASP A 47 10.43 19.56 0.42
N CYS A 48 9.69 19.90 -0.62
CA CYS A 48 9.45 18.91 -1.67
C CYS A 48 10.81 18.42 -2.16
N PRO A 49 11.80 19.33 -2.27
CA PRO A 49 13.10 18.83 -2.74
C PRO A 49 13.64 17.67 -1.92
N GLU A 50 13.77 17.84 -0.60
CA GLU A 50 14.28 16.74 0.22
C GLU A 50 13.29 15.55 0.18
N ASN A 51 11.99 15.83 0.25
CA ASN A 51 11.01 14.76 0.22
C ASN A 51 11.16 13.88 -1.03
N ILE A 52 11.10 14.49 -2.20
CA ILE A 52 11.18 13.64 -3.41
C ILE A 52 12.53 12.95 -3.51
N LYS A 53 13.59 13.61 -3.05
CA LYS A 53 14.90 13.00 -3.07
C LYS A 53 14.88 11.72 -2.20
N LYS A 54 14.19 11.81 -1.07
CA LYS A 54 14.11 10.64 -0.18
C LYS A 54 13.33 9.50 -0.86
N GLU A 55 12.21 9.88 -1.46
CA GLU A 55 11.37 8.89 -2.14
C GLU A 55 12.12 8.18 -3.30
N ILE A 56 12.93 8.92 -4.03
CA ILE A 56 13.73 8.30 -5.11
C ILE A 56 14.76 7.37 -4.46
N CYS A 57 15.39 7.82 -3.37
CA CYS A 57 16.40 6.99 -2.69
C CYS A 57 15.77 5.64 -2.27
N ILE A 58 14.59 5.72 -1.70
CA ILE A 58 13.94 4.50 -1.30
C ILE A 58 13.54 3.65 -2.47
N ASN A 59 13.00 4.27 -3.50
CA ASN A 59 12.58 3.48 -4.68
C ASN A 59 13.80 2.73 -5.32
N ALA A 60 14.96 3.37 -5.26
CA ALA A 60 16.16 2.75 -5.84
C ALA A 60 16.59 1.49 -5.11
N MET A 61 16.11 1.32 -3.89
CA MET A 61 16.50 0.17 -3.12
C MET A 61 15.61 -1.05 -3.37
N LEU A 62 14.48 -0.86 -4.05
CA LEU A 62 13.46 -1.90 -4.19
C LEU A 62 13.45 -2.68 -5.49
N ASN A 63 13.23 -3.99 -5.40
CA ASN A 63 13.22 -4.89 -6.57
C ASN A 63 12.45 -6.12 -6.15
N HIS A 64 11.14 -6.08 -6.35
CA HIS A 64 10.30 -7.23 -5.94
C HIS A 64 9.08 -7.25 -6.84
N GLU A 65 8.56 -8.44 -7.16
CA GLU A 65 7.39 -8.54 -8.06
C GLU A 65 6.09 -7.93 -7.53
N ASN A 66 6.01 -7.64 -6.22
CA ASN A 66 4.79 -7.04 -5.66
C ASN A 66 5.02 -5.63 -5.16
N VAL A 67 6.05 -5.03 -5.74
CA VAL A 67 6.35 -3.59 -5.51
C VAL A 67 6.49 -2.91 -6.88
N VAL A 68 5.85 -1.76 -7.06
CA VAL A 68 5.94 -1.01 -8.33
C VAL A 68 7.38 -0.73 -8.64
N LYS A 69 7.89 -1.28 -9.74
CA LYS A 69 9.32 -1.14 -10.03
C LYS A 69 9.68 0.31 -10.40
N PHE A 70 10.82 0.76 -9.95
CA PHE A 70 11.35 2.10 -10.28
C PHE A 70 12.48 1.93 -11.33
N TYR A 71 12.28 2.52 -12.53
CA TYR A 71 13.29 2.44 -13.63
C TYR A 71 14.38 3.53 -13.64
N GLY A 72 14.11 4.66 -13.01
CA GLY A 72 15.10 5.73 -12.94
C GLY A 72 14.38 7.06 -12.91
N HIS A 73 15.14 8.14 -12.86
CA HIS A 73 14.51 9.45 -12.82
C HIS A 73 15.35 10.47 -13.60
N ARG A 74 14.71 11.58 -13.91
CA ARG A 74 15.37 12.65 -14.64
C ARG A 74 14.86 13.99 -14.15
N ARG A 75 15.80 14.91 -13.96
CA ARG A 75 15.44 16.23 -13.49
C ARG A 75 15.47 17.19 -14.67
N GLU A 76 14.54 18.12 -14.66
CA GLU A 76 14.42 19.12 -15.70
C GLU A 76 14.11 20.40 -14.93
N GLY A 77 15.17 21.12 -14.55
CA GLY A 77 14.96 22.34 -13.80
C GLY A 77 14.30 22.04 -12.48
N ASN A 78 13.09 22.54 -12.29
CA ASN A 78 12.37 22.35 -11.02
C ASN A 78 11.46 21.13 -11.06
N ILE A 79 11.44 20.44 -12.20
CA ILE A 79 10.59 19.27 -12.32
C ILE A 79 11.36 17.93 -12.26
N GLN A 80 10.84 17.01 -11.46
CA GLN A 80 11.41 15.68 -11.31
C GLN A 80 10.45 14.71 -12.02
N TYR A 81 11.01 13.82 -12.82
CA TYR A 81 10.26 12.80 -13.54
C TYR A 81 10.68 11.40 -13.04
N LEU A 82 9.76 10.66 -12.42
CA LEU A 82 10.12 9.33 -11.96
C LEU A 82 9.44 8.31 -12.93
N PHE A 83 10.23 7.40 -13.51
CA PHE A 83 9.73 6.38 -14.43
C PHE A 83 9.46 5.12 -13.60
N LEU A 84 8.20 4.69 -13.63
CA LEU A 84 7.70 3.59 -12.80
C LEU A 84 6.94 2.54 -13.55
N GLU A 85 6.91 1.34 -12.98
CA GLU A 85 6.17 0.26 -13.64
C GLU A 85 4.69 0.61 -13.86
N TYR A 86 4.17 0.48 -15.08
CA TYR A 86 2.76 0.76 -15.31
C TYR A 86 1.91 -0.49 -14.98
N CYS A 87 0.85 -0.30 -14.19
CA CYS A 87 -0.02 -1.40 -13.75
C CYS A 87 -1.37 -1.18 -14.41
N SER A 88 -1.61 -1.88 -15.51
CA SER A 88 -2.83 -1.60 -16.28
C SER A 88 -4.17 -1.96 -15.63
N GLY A 89 -4.16 -2.73 -14.56
CA GLY A 89 -5.43 -3.05 -13.94
C GLY A 89 -5.89 -1.95 -12.98
N GLY A 90 -5.07 -0.91 -12.78
CA GLY A 90 -5.44 0.21 -11.95
C GLY A 90 -5.36 -0.09 -10.44
N GLU A 91 -6.23 0.55 -9.68
CA GLU A 91 -6.20 0.42 -8.23
C GLU A 91 -7.05 -0.65 -7.63
N LEU A 92 -6.52 -1.29 -6.58
CA LEU A 92 -7.33 -2.33 -5.90
C LEU A 92 -8.64 -1.64 -5.42
N PHE A 93 -8.52 -0.36 -5.10
CA PHE A 93 -9.69 0.43 -4.64
C PHE A 93 -10.93 0.17 -5.51
N ASP A 94 -10.68 0.19 -6.82
CA ASP A 94 -11.76 -0.01 -7.79
C ASP A 94 -12.24 -1.43 -8.00
N ARG A 95 -11.68 -2.40 -7.31
CA ARG A 95 -12.19 -3.78 -7.40
C ARG A 95 -13.04 -4.14 -6.19
N ILE A 96 -13.11 -3.19 -5.27
CA ILE A 96 -13.90 -3.38 -4.07
C ILE A 96 -15.28 -2.81 -4.24
N GLU A 97 -16.25 -3.69 -4.34
CA GLU A 97 -17.63 -3.22 -4.52
C GLU A 97 -18.22 -2.68 -3.23
N PRO A 98 -18.82 -1.46 -3.29
CA PRO A 98 -19.37 -0.95 -2.01
C PRO A 98 -20.40 -1.87 -1.35
N ASP A 99 -20.14 -2.14 -0.09
CA ASP A 99 -20.93 -2.98 0.73
C ASP A 99 -21.01 -4.46 0.40
N ILE A 100 -20.13 -4.86 -0.50
CA ILE A 100 -20.03 -6.22 -0.91
C ILE A 100 -18.58 -6.72 -0.75
N GLY A 101 -17.64 -5.95 -1.25
CA GLY A 101 -16.25 -6.40 -1.15
C GLY A 101 -15.93 -7.07 -2.49
N MET A 102 -15.52 -8.33 -2.43
CA MET A 102 -15.18 -9.12 -3.66
C MET A 102 -15.20 -10.59 -3.25
N PRO A 103 -15.16 -11.49 -4.22
CA PRO A 103 -15.15 -12.93 -3.87
C PRO A 103 -13.98 -13.30 -2.88
N GLU A 104 -14.28 -14.07 -1.83
CA GLU A 104 -13.24 -14.39 -0.83
C GLU A 104 -11.97 -14.97 -1.40
N PRO A 105 -12.08 -15.85 -2.40
CA PRO A 105 -10.78 -16.40 -2.93
C PRO A 105 -9.91 -15.29 -3.59
N ASP A 106 -10.60 -14.34 -4.22
CA ASP A 106 -9.89 -13.21 -4.87
C ASP A 106 -9.22 -12.37 -3.77
N ALA A 107 -9.94 -12.11 -2.67
CA ALA A 107 -9.34 -11.34 -1.60
C ALA A 107 -8.10 -12.11 -1.01
N GLN A 108 -8.25 -13.44 -0.86
CA GLN A 108 -7.15 -14.22 -0.35
C GLN A 108 -5.90 -14.15 -1.22
N ARG A 109 -6.08 -14.25 -2.57
CA ARG A 109 -4.95 -14.14 -3.46
C ARG A 109 -4.32 -12.73 -3.37
N PHE A 110 -5.14 -11.68 -3.35
CA PHE A 110 -4.57 -10.31 -3.21
C PHE A 110 -3.89 -10.19 -1.86
N PHE A 111 -4.43 -10.82 -0.80
CA PHE A 111 -3.83 -10.71 0.52
C PHE A 111 -2.45 -11.44 0.61
N HIS A 112 -2.37 -12.57 -0.07
CA HIS A 112 -1.08 -13.27 -0.19
C HIS A 112 -0.05 -12.37 -0.87
N GLN A 113 -0.43 -11.72 -1.99
CA GLN A 113 0.50 -10.87 -2.70
C GLN A 113 0.92 -9.61 -1.94
N LEU A 114 0.00 -9.07 -1.16
CA LEU A 114 0.27 -7.94 -0.29
C LEU A 114 1.26 -8.35 0.80
N MET A 115 1.07 -9.51 1.41
CA MET A 115 2.00 -9.99 2.43
C MET A 115 3.38 -10.19 1.80
N ALA A 116 3.45 -10.75 0.61
CA ALA A 116 4.75 -10.96 -0.03
C ALA A 116 5.49 -9.61 -0.20
N GLY A 117 4.79 -8.61 -0.70
CA GLY A 117 5.47 -7.29 -0.87
C GLY A 117 5.77 -6.71 0.46
N VAL A 118 4.88 -6.85 1.48
CA VAL A 118 5.22 -6.23 2.76
C VAL A 118 6.38 -6.95 3.43
N VAL A 119 6.38 -8.29 3.36
CA VAL A 119 7.56 -9.03 3.92
C VAL A 119 8.84 -8.57 3.26
N TYR A 120 8.77 -8.35 1.95
CA TYR A 120 9.97 -7.89 1.24
C TYR A 120 10.46 -6.50 1.78
N LEU A 121 9.55 -5.53 1.83
CA LEU A 121 9.91 -4.23 2.31
C LEU A 121 10.50 -4.28 3.74
N HIS A 122 9.82 -4.96 4.65
CA HIS A 122 10.29 -5.03 6.02
C HIS A 122 11.63 -5.77 6.05
N GLY A 123 11.82 -6.73 5.16
CA GLY A 123 13.11 -7.45 5.13
C GLY A 123 14.31 -6.55 4.80
N ILE A 124 14.10 -5.52 4.02
CA ILE A 124 15.16 -4.57 3.74
C ILE A 124 15.07 -3.33 4.61
N GLY A 125 14.20 -3.39 5.62
CA GLY A 125 14.14 -2.30 6.59
C GLY A 125 13.34 -1.12 6.20
N ILE A 126 12.38 -1.27 5.27
CA ILE A 126 11.58 -0.12 4.83
C ILE A 126 10.16 -0.32 5.27
N THR A 127 9.59 0.71 5.90
CA THR A 127 8.12 0.65 6.16
C THR A 127 7.41 1.61 5.18
N HIS A 128 6.21 1.20 4.78
CA HIS A 128 5.46 2.01 3.80
C HIS A 128 4.67 3.16 4.46
N ARG A 129 4.02 2.85 5.61
CA ARG A 129 3.30 3.82 6.46
C ARG A 129 1.96 4.36 5.93
N ASP A 130 1.53 3.95 4.74
CA ASP A 130 0.23 4.40 4.22
C ASP A 130 -0.41 3.38 3.29
N ILE A 131 -0.40 2.10 3.73
CA ILE A 131 -0.99 1.04 2.89
C ILE A 131 -2.55 1.20 2.88
N LYS A 132 -3.14 1.21 1.69
CA LYS A 132 -4.60 1.26 1.57
C LYS A 132 -4.89 0.86 0.11
N PRO A 133 -6.12 0.54 -0.21
CA PRO A 133 -6.47 0.11 -1.59
C PRO A 133 -6.14 1.09 -2.67
N GLU A 134 -6.14 2.39 -2.33
CA GLU A 134 -5.80 3.37 -3.36
C GLU A 134 -4.32 3.23 -3.87
N ASN A 135 -3.46 2.66 -3.03
CA ASN A 135 -2.00 2.55 -3.27
C ASN A 135 -1.59 1.18 -3.67
N LEU A 136 -2.50 0.23 -3.76
CA LEU A 136 -2.17 -1.20 -4.13
C LEU A 136 -2.70 -1.33 -5.53
N LEU A 137 -1.79 -1.41 -6.44
CA LEU A 137 -2.13 -1.44 -7.92
C LEU A 137 -2.14 -2.85 -8.50
N LEU A 138 -2.73 -2.99 -9.69
CA LEU A 138 -2.84 -4.31 -10.30
C LEU A 138 -2.31 -4.30 -11.72
N ASP A 139 -1.55 -5.33 -12.08
CA ASP A 139 -1.05 -5.36 -13.47
C ASP A 139 -2.08 -6.04 -14.34
N GLU A 140 -1.70 -6.35 -15.59
CA GLU A 140 -2.60 -6.95 -16.57
C GLU A 140 -3.11 -8.35 -16.18
N ARG A 141 -2.40 -9.00 -15.25
CA ARG A 141 -2.79 -10.34 -14.76
C ARG A 141 -3.32 -10.27 -13.31
N ASP A 142 -3.68 -9.07 -12.92
CA ASP A 142 -4.19 -8.89 -11.56
C ASP A 142 -3.17 -9.19 -10.46
N ASN A 143 -1.89 -9.08 -10.78
CA ASN A 143 -0.88 -9.20 -9.71
C ASN A 143 -0.81 -7.86 -8.92
N LEU A 144 -0.73 -7.95 -7.59
CA LEU A 144 -0.72 -6.75 -6.78
C LEU A 144 0.64 -6.11 -6.64
N LYS A 145 0.73 -4.79 -6.68
CA LYS A 145 2.04 -4.14 -6.59
C LYS A 145 1.84 -2.92 -5.64
N ILE A 146 2.67 -2.85 -4.63
CA ILE A 146 2.55 -1.75 -3.67
C ILE A 146 3.19 -0.51 -4.35
N SER A 147 2.49 0.63 -4.27
CA SER A 147 2.92 1.88 -4.83
C SER A 147 2.97 3.03 -3.85
N ASP A 148 3.60 4.13 -4.28
CA ASP A 148 3.67 5.38 -3.54
C ASP A 148 4.47 5.28 -2.26
N PHE A 149 5.77 5.52 -2.41
CA PHE A 149 6.71 5.52 -1.27
C PHE A 149 7.00 6.89 -0.73
N GLY A 150 6.00 7.77 -0.93
CA GLY A 150 6.14 9.18 -0.51
C GLY A 150 6.14 9.31 1.03
N LEU A 151 5.68 8.31 1.74
CA LEU A 151 5.67 8.34 3.21
C LEU A 151 6.59 7.30 3.81
N ALA A 152 7.22 6.52 2.92
CA ALA A 152 8.08 5.43 3.33
C ALA A 152 9.32 5.90 4.06
N THR A 153 9.85 5.06 4.95
CA THR A 153 11.05 5.44 5.67
C THR A 153 11.81 4.22 6.16
N VAL A 154 13.08 4.39 6.52
CA VAL A 154 13.89 3.27 7.02
C VAL A 154 13.59 3.08 8.51
N PHE A 155 13.29 1.86 8.90
CA PHE A 155 13.07 1.59 10.31
C PHE A 155 14.14 0.60 10.82
N ARG A 156 14.94 0.06 9.89
CA ARG A 156 16.02 -0.86 10.36
C ARG A 156 17.24 -0.64 9.49
N TYR A 157 18.37 -0.46 10.16
CA TYR A 157 19.60 -0.21 9.42
C TYR A 157 20.73 -0.79 10.23
N ASN A 158 21.67 -1.48 9.57
CA ASN A 158 22.77 -2.12 10.31
C ASN A 158 22.29 -3.02 11.45
N ASN A 159 21.17 -3.73 11.21
CA ASN A 159 20.63 -4.66 12.18
C ASN A 159 20.11 -3.98 13.46
N ARG A 160 19.86 -2.66 13.41
CA ARG A 160 19.32 -1.95 14.56
C ARG A 160 17.99 -1.28 14.15
N GLU A 161 17.01 -1.50 14.97
CA GLU A 161 15.67 -0.91 14.70
C GLU A 161 15.57 0.50 15.28
N ARG A 162 14.96 1.43 14.49
CA ARG A 162 14.69 2.78 14.94
C ARG A 162 13.18 2.80 15.24
N LEU A 163 12.81 3.20 16.46
CA LEU A 163 11.36 3.37 16.75
C LEU A 163 10.86 4.62 15.98
N LEU A 164 9.58 4.58 15.56
CA LEU A 164 9.04 5.73 14.87
C LEU A 164 8.19 6.62 15.77
N ASN A 165 8.02 7.91 15.38
CA ASN A 165 7.12 8.75 16.18
C ASN A 165 6.29 9.65 15.28
N LYS A 166 6.61 9.71 14.01
CA LYS A 166 5.84 10.59 13.11
C LYS A 166 4.36 10.13 12.99
N MET A 167 3.40 11.04 13.20
CA MET A 167 2.01 10.68 13.00
C MET A 167 1.76 10.88 11.47
N CYS A 168 1.47 9.77 10.77
CA CYS A 168 1.20 9.83 9.34
C CYS A 168 0.40 8.57 8.94
N GLY A 169 -0.08 8.53 7.69
CA GLY A 169 -0.93 7.44 7.20
C GLY A 169 -2.33 8.00 6.85
N THR A 170 -3.36 7.19 7.03
CA THR A 170 -4.75 7.61 6.67
C THR A 170 -5.58 7.05 7.78
N LEU A 171 -6.38 7.91 8.42
CA LEU A 171 -7.03 7.52 9.64
C LEU A 171 -7.74 6.16 9.72
N PRO A 172 -8.61 5.81 8.76
CA PRO A 172 -9.30 4.50 8.84
C PRO A 172 -8.38 3.29 8.78
N TYR A 173 -7.18 3.50 8.23
CA TYR A 173 -6.21 2.40 8.10
C TYR A 173 -5.08 2.47 9.14
N VAL A 174 -5.04 3.53 9.96
CA VAL A 174 -3.92 3.67 10.88
C VAL A 174 -4.10 2.89 12.20
N ALA A 175 -2.98 2.33 12.65
CA ALA A 175 -2.92 1.57 13.92
C ALA A 175 -3.23 2.46 15.16
N PRO A 176 -3.85 1.87 16.17
CA PRO A 176 -4.21 2.66 17.34
C PRO A 176 -3.06 3.23 18.13
N GLU A 177 -1.91 2.53 18.13
CA GLU A 177 -0.75 3.04 18.88
C GLU A 177 -0.30 4.39 18.30
N LEU A 178 -0.44 4.69 17.01
CA LEU A 178 -0.07 6.07 16.58
C LEU A 178 -0.89 7.19 17.20
N LEU A 179 -2.12 6.86 17.60
CA LEU A 179 -3.01 7.85 18.23
C LEU A 179 -2.83 7.87 19.79
N LYS A 180 -2.15 6.88 20.35
CA LYS A 180 -2.04 6.82 21.81
C LYS A 180 -0.61 6.89 22.41
N ARG A 181 0.38 6.48 21.62
CA ARG A 181 1.75 6.41 22.11
C ARG A 181 2.71 7.36 21.43
N ARG A 182 3.70 7.84 22.18
CA ARG A 182 4.64 8.76 21.58
C ARG A 182 5.52 8.05 20.54
N GLU A 183 6.01 6.84 20.87
CA GLU A 183 6.84 6.08 19.93
C GLU A 183 6.20 4.69 19.67
N PHE A 184 6.53 4.08 18.53
CA PHE A 184 5.99 2.74 18.24
C PHE A 184 6.86 2.04 17.22
N HIS A 185 6.78 0.73 17.23
CA HIS A 185 7.49 -0.10 16.27
C HIS A 185 6.85 0.08 14.89
N ALA A 186 7.64 0.01 13.85
CA ALA A 186 7.08 0.22 12.53
C ALA A 186 6.25 -0.94 11.98
N GLU A 187 6.80 -2.14 12.15
CA GLU A 187 6.21 -3.34 11.50
C GLU A 187 4.72 -3.58 11.84
N PRO A 188 4.36 -3.53 13.15
CA PRO A 188 2.95 -3.74 13.46
C PRO A 188 2.01 -2.69 12.85
N VAL A 189 2.47 -1.47 12.59
CA VAL A 189 1.59 -0.50 11.98
C VAL A 189 1.22 -0.90 10.53
N ASP A 190 2.20 -1.43 9.81
CA ASP A 190 1.92 -1.82 8.42
C ASP A 190 1.05 -3.12 8.47
N VAL A 191 1.24 -3.95 9.48
CA VAL A 191 0.43 -5.16 9.55
C VAL A 191 -1.08 -4.76 9.75
N TRP A 192 -1.29 -3.79 10.60
CA TRP A 192 -2.62 -3.26 10.88
C TRP A 192 -3.33 -2.72 9.65
N SER A 193 -2.66 -1.82 8.89
CA SER A 193 -3.32 -1.30 7.72
C SER A 193 -3.62 -2.47 6.78
N CYS A 194 -2.70 -3.45 6.65
CA CYS A 194 -3.05 -4.66 5.78
C CYS A 194 -4.33 -5.37 6.30
N GLY A 195 -4.51 -5.47 7.63
CA GLY A 195 -5.80 -6.03 8.15
C GLY A 195 -7.02 -5.16 7.78
N ILE A 196 -6.91 -3.82 7.73
CA ILE A 196 -8.09 -3.00 7.34
C ILE A 196 -8.31 -3.19 5.85
N VAL A 197 -7.23 -3.32 5.07
CA VAL A 197 -7.42 -3.54 3.62
C VAL A 197 -8.15 -4.89 3.44
N LEU A 198 -7.79 -5.93 4.21
CA LEU A 198 -8.46 -7.20 4.09
C LEU A 198 -9.97 -7.05 4.48
N THR A 199 -10.25 -6.29 5.56
CA THR A 199 -11.65 -6.06 5.94
C THR A 199 -12.44 -5.44 4.80
N ALA A 200 -11.86 -4.41 4.21
CA ALA A 200 -12.53 -3.72 3.01
C ALA A 200 -12.73 -4.67 1.86
N MET A 201 -11.74 -5.49 1.54
CA MET A 201 -11.91 -6.44 0.44
C MET A 201 -13.02 -7.48 0.71
N LEU A 202 -13.23 -7.84 1.99
CA LEU A 202 -14.21 -8.90 2.27
C LEU A 202 -15.62 -8.35 2.65
N ALA A 203 -15.73 -7.05 2.90
CA ALA A 203 -17.03 -6.45 3.32
C ALA A 203 -17.45 -5.21 2.53
N GLY A 204 -16.51 -4.65 1.74
CA GLY A 204 -16.82 -3.46 0.94
C GLY A 204 -17.10 -2.21 1.77
N GLU A 205 -16.61 -2.17 3.01
CA GLU A 205 -16.80 -1.01 3.88
C GLU A 205 -15.63 -0.96 4.91
N LEU A 206 -15.31 0.22 5.44
CA LEU A 206 -14.22 0.34 6.42
C LEU A 206 -14.90 0.19 7.76
N PRO A 207 -14.25 -0.48 8.70
CA PRO A 207 -14.87 -0.71 10.01
C PRO A 207 -15.05 0.51 10.89
N TRP A 208 -14.11 1.49 10.81
CA TRP A 208 -14.31 2.67 11.66
C TRP A 208 -13.65 3.90 11.08
N ASP A 209 -14.10 5.09 11.53
CA ASP A 209 -13.46 6.33 11.07
C ASP A 209 -11.96 6.35 11.57
N GLN A 210 -11.73 5.89 12.80
CA GLN A 210 -10.37 5.84 13.39
C GLN A 210 -10.41 4.89 14.59
N PRO A 211 -9.26 4.26 14.90
CA PRO A 211 -9.23 3.30 16.00
C PRO A 211 -9.08 3.93 17.39
N SER A 212 -10.10 4.68 17.80
CA SER A 212 -10.05 5.27 19.14
C SER A 212 -11.31 4.83 19.91
N ASP A 213 -11.24 4.78 21.23
CA ASP A 213 -12.40 4.37 22.03
C ASP A 213 -13.59 5.30 21.80
N SER A 214 -13.30 6.55 21.45
CA SER A 214 -14.36 7.51 21.17
C SER A 214 -15.15 7.16 19.93
N CYS A 215 -14.66 6.24 19.11
CA CYS A 215 -15.37 5.89 17.90
C CYS A 215 -16.14 4.59 18.22
N GLN A 216 -17.48 4.71 18.21
CA GLN A 216 -18.36 3.63 18.61
C GLN A 216 -18.05 2.36 17.89
N GLU A 217 -17.80 2.43 16.57
CA GLU A 217 -17.52 1.20 15.82
C GLU A 217 -16.25 0.45 16.33
N TYR A 218 -15.24 1.22 16.73
CA TYR A 218 -14.00 0.60 17.25
C TYR A 218 -14.25 0.03 18.62
N SER A 219 -15.02 0.74 19.45
CA SER A 219 -15.34 0.15 20.76
C SER A 219 -16.11 -1.16 20.62
N ASP A 220 -17.09 -1.19 19.71
CA ASP A 220 -17.89 -2.37 19.45
C ASP A 220 -16.97 -3.56 19.08
N TRP A 221 -15.99 -3.32 18.21
CA TRP A 221 -15.05 -4.39 17.85
C TRP A 221 -14.28 -4.89 19.09
N LYS A 222 -13.83 -3.96 19.91
CA LYS A 222 -13.10 -4.40 21.06
C LYS A 222 -13.99 -5.23 21.97
N GLU A 223 -15.28 -4.98 21.94
CA GLU A 223 -16.22 -5.75 22.76
C GLU A 223 -16.76 -6.98 22.02
N LYS A 224 -16.08 -7.33 20.92
CA LYS A 224 -16.41 -8.50 20.12
C LYS A 224 -17.85 -8.62 19.61
N LYS A 225 -18.41 -7.50 19.18
CA LYS A 225 -19.78 -7.53 18.69
C LYS A 225 -19.70 -7.82 17.19
N THR A 226 -19.32 -9.04 16.88
CA THR A 226 -19.18 -9.43 15.49
C THR A 226 -20.45 -9.80 14.71
N TYR A 227 -21.59 -9.65 15.39
CA TYR A 227 -22.89 -9.80 14.71
C TYR A 227 -23.22 -8.49 14.00
N LEU A 228 -22.40 -7.44 14.21
CA LEU A 228 -22.60 -6.16 13.56
C LEU A 228 -21.74 -6.09 12.30
N ASN A 229 -22.05 -5.19 11.38
CA ASN A 229 -21.23 -5.04 10.15
C ASN A 229 -19.97 -4.25 10.55
N PRO A 230 -18.86 -4.43 9.82
CA PRO A 230 -18.69 -5.31 8.63
C PRO A 230 -18.48 -6.78 8.93
N TRP A 231 -18.26 -7.08 10.23
CA TRP A 231 -17.86 -8.41 10.64
C TRP A 231 -18.84 -9.54 10.29
N LYS A 232 -20.14 -9.26 10.36
CA LYS A 232 -21.13 -10.28 10.06
C LYS A 232 -21.09 -10.73 8.62
N LYS A 233 -20.47 -9.93 7.75
CA LYS A 233 -20.37 -10.29 6.35
C LYS A 233 -19.14 -11.18 6.04
N ILE A 234 -18.27 -11.33 7.03
CA ILE A 234 -17.01 -12.06 6.85
C ILE A 234 -17.11 -13.43 7.42
N ASP A 235 -16.74 -14.42 6.61
CA ASP A 235 -16.82 -15.79 7.09
C ASP A 235 -15.93 -16.00 8.30
N SER A 236 -16.17 -17.10 9.01
CA SER A 236 -15.46 -17.37 10.23
C SER A 236 -13.92 -17.51 10.15
N ALA A 237 -13.39 -18.13 9.08
CA ALA A 237 -11.98 -18.39 8.95
C ALA A 237 -11.21 -17.05 8.77
N PRO A 238 -11.63 -16.21 7.81
CA PRO A 238 -10.91 -14.93 7.71
C PRO A 238 -11.16 -14.02 8.90
N LEU A 239 -12.33 -14.11 9.52
CA LEU A 239 -12.64 -13.31 10.69
C LEU A 239 -11.71 -13.68 11.83
N ALA A 240 -11.34 -14.96 11.95
CA ALA A 240 -10.42 -15.40 13.01
C ALA A 240 -9.03 -14.75 12.75
N LEU A 241 -8.69 -14.55 11.48
CA LEU A 241 -7.40 -13.93 11.15
C LEU A 241 -7.51 -12.48 11.52
N LEU A 242 -8.62 -11.80 11.16
CA LEU A 242 -8.80 -10.36 11.50
C LEU A 242 -8.77 -10.17 13.00
N HIS A 243 -9.27 -11.12 13.75
CA HIS A 243 -9.20 -11.02 15.23
C HIS A 243 -7.74 -11.01 15.72
N LYS A 244 -6.82 -11.69 15.02
CA LYS A 244 -5.39 -11.64 15.43
C LYS A 244 -4.61 -10.40 14.94
N ILE A 245 -5.03 -9.89 13.78
CA ILE A 245 -4.36 -8.70 13.23
C ILE A 245 -4.85 -7.41 13.92
N LEU A 246 -6.17 -7.24 14.08
CA LEU A 246 -6.67 -5.97 14.64
C LEU A 246 -6.71 -5.97 16.17
N VAL A 247 -5.55 -6.18 16.72
CA VAL A 247 -5.38 -6.27 18.19
C VAL A 247 -4.77 -4.94 18.57
N GLU A 248 -5.39 -4.28 19.57
CA GLU A 248 -4.91 -2.93 19.98
C GLU A 248 -3.46 -2.93 20.43
N ASN A 249 -3.08 -3.91 21.24
CA ASN A 249 -1.67 -3.89 21.75
C ASN A 249 -0.76 -4.34 20.58
N PRO A 250 0.14 -3.45 20.09
CA PRO A 250 0.98 -3.91 18.94
C PRO A 250 1.96 -5.03 19.28
N SER A 251 2.26 -5.18 20.57
CA SER A 251 3.15 -6.24 20.96
C SER A 251 2.45 -7.61 21.00
N ALA A 252 1.13 -7.59 21.12
CA ALA A 252 0.38 -8.87 21.09
C ALA A 252 -0.16 -9.16 19.68
N ARG A 253 -0.11 -8.14 18.84
CA ARG A 253 -0.59 -8.31 17.44
C ARG A 253 0.21 -9.36 16.67
N ILE A 254 -0.49 -10.10 15.82
CA ILE A 254 0.14 -11.15 15.05
C ILE A 254 1.22 -10.56 14.16
N THR A 255 2.33 -11.34 13.94
CA THR A 255 3.36 -10.81 13.05
C THR A 255 3.15 -11.49 11.70
N ILE A 256 3.88 -11.02 10.68
CA ILE A 256 3.68 -11.67 9.37
C ILE A 256 4.08 -13.17 9.37
N PRO A 257 5.22 -13.53 9.97
CA PRO A 257 5.53 -14.98 9.94
C PRO A 257 4.39 -15.83 10.52
N ASP A 258 3.61 -15.31 11.48
CA ASP A 258 2.45 -16.06 12.00
C ASP A 258 1.17 -15.90 11.09
N ILE A 259 1.04 -14.78 10.42
CA ILE A 259 -0.05 -14.64 9.46
C ILE A 259 0.11 -15.71 8.36
N LYS A 260 1.37 -15.94 7.98
CA LYS A 260 1.64 -16.98 6.94
C LYS A 260 1.24 -18.38 7.36
N LYS A 261 1.12 -18.61 8.68
CA LYS A 261 0.74 -19.91 9.23
C LYS A 261 -0.71 -20.00 9.59
N ASP A 262 -1.45 -18.94 9.28
CA ASP A 262 -2.88 -18.91 9.66
C ASP A 262 -3.73 -19.90 8.86
N ARG A 263 -4.79 -20.41 9.48
CA ARG A 263 -5.65 -21.39 8.82
C ARG A 263 -6.29 -20.81 7.57
N TRP A 264 -6.91 -19.60 7.68
CA TRP A 264 -7.55 -19.05 6.49
C TRP A 264 -6.52 -18.78 5.39
N TYR A 265 -5.39 -18.22 5.82
CA TYR A 265 -4.34 -17.90 4.85
C TYR A 265 -3.90 -19.09 4.01
N ASN A 266 -3.96 -20.28 4.61
CA ASN A 266 -3.49 -21.49 3.91
C ASN A 266 -4.63 -22.34 3.35
N LYS A 267 -5.88 -21.85 3.41
CA LYS A 267 -6.99 -22.72 2.90
C LYS A 267 -7.01 -22.65 1.39
N PRO A 268 -7.07 -23.79 0.71
CA PRO A 268 -7.11 -23.75 -0.80
C PRO A 268 -8.52 -23.18 -1.16
N LEU A 269 -8.56 -22.05 -1.91
CA LEU A 269 -9.83 -21.40 -2.22
C LEU A 269 -9.91 -20.92 -3.66
N LYS A 270 -8.78 -20.50 -4.19
CA LYS A 270 -8.68 -19.83 -5.48
C LYS A 270 -8.06 -20.63 -6.60
N LYS A 271 -8.83 -20.85 -7.67
CA LYS A 271 -8.30 -21.59 -8.84
C LYS A 271 -7.32 -20.66 -9.56
N GLY A 272 -6.36 -21.29 -10.25
CA GLY A 272 -5.37 -20.57 -11.05
C GLY A 272 -6.18 -19.95 -12.19
N ALA A 273 -5.61 -18.91 -12.81
CA ALA A 273 -6.27 -18.21 -13.91
C ALA A 273 -6.73 -19.19 -14.97
N ALA B 1 1.60 16.48 -24.84
CA ALA B 1 2.68 16.39 -23.76
C ALA B 1 3.63 15.22 -24.00
N SER B 2 4.92 15.46 -23.78
CA SER B 2 5.96 14.43 -23.94
C SER B 2 7.10 14.56 -22.92
N VAL B 3 7.90 13.49 -22.81
CA VAL B 3 9.07 13.54 -21.91
C VAL B 3 10.19 12.71 -22.52
N SER B 4 11.43 13.04 -22.20
CA SER B 4 12.52 12.21 -22.72
C SER B 4 13.09 11.36 -21.57
N ALA B 5 13.66 10.22 -21.93
CA ALA B 5 14.24 9.23 -21.04
C ALA B 5 15.77 9.38 -20.90
S SO4 C . 10.62 9.84 9.82
O1 SO4 C . 11.60 8.77 9.51
O2 SO4 C . 9.67 9.31 10.81
O3 SO4 C . 9.89 10.28 8.60
O4 SO4 C . 11.41 10.95 10.39
C01 199 D . -0.93 4.21 -11.17
C02 199 D . -1.69 3.52 -12.19
C03 199 D . -1.00 2.62 -13.06
N04 199 D . 0.32 2.35 -13.00
C05 199 D . 1.01 3.01 -12.06
N06 199 D . 2.35 2.93 -11.78
C07 199 D . 2.67 3.78 -10.71
C08 199 D . 1.53 4.41 -10.31
C09 199 D . 0.45 3.93 -11.15
N10 199 D . 1.34 5.34 -9.29
C11 199 D . -5.30 4.56 -11.58
C12 199 D . -6.01 3.93 -12.68
C13 199 D . -5.24 3.17 -13.62
C14 199 D . -3.83 3.03 -13.46
C15 199 D . -3.15 3.68 -12.36
C16 199 D . -3.92 4.45 -11.42
C17 199 D . 2.34 5.75 -8.49
O18 199 D . 3.47 5.30 -8.53
C19 199 D . 0.59 8.48 -6.38
C20 199 D . 1.73 8.92 -5.66
N21 199 D . 2.98 8.38 -5.81
C22 199 D . 3.13 7.35 -6.70
C23 199 D . 2.07 6.83 -7.50
C24 199 D . 0.76 7.40 -7.35
C25 199 D . -7.99 3.83 -14.17
C26 199 D . -9.53 3.73 -14.11
N27 199 D . -10.12 4.96 -13.50
C28 199 D . -9.53 5.30 -12.16
C29 199 D . -7.96 5.30 -12.22
N30 199 D . -7.43 4.05 -12.81
C31 199 D . -11.60 4.77 -13.36
#